data_6DXO
#
_entry.id   6DXO
#
_cell.length_a   44.409
_cell.length_b   43.375
_cell.length_c   58.715
_cell.angle_alpha   90.000
_cell.angle_beta   111.970
_cell.angle_gamma   90.000
#
_symmetry.space_group_name_H-M   'P 1 21 1'
#
loop_
_entity.id
_entity.type
_entity.pdbx_description
1 polymer 'RNA polymerase ECF-subfamily sigma factor'
2 polymer BldN
3 water water
#
loop_
_entity_poly.entity_id
_entity_poly.type
_entity_poly.pdbx_seq_one_letter_code
_entity_poly.pdbx_strand_id
1 'polypeptide(L)'
;MDLVDRAQAGEAEAFGRLYDQYSDTVYRYIYYRVGGKATAEDLTSETFLRALRRISTFTWQGRDFGAWLVTIARNLVADH
FKSMESLSNAALLDAVRRLNPQQQECVTLRFLQGLSVAETARVMGKNEGAIKTLQYRAVRTLARLLPDDAR
;
A
2 'polypeptide(L)'
;MIANVSAHRRANAFAQALEDRESEGAAAEQTETTAEPAEQGKLLALASGLGDLPKPQLDPEVKVVQRAQLVAAMEAMLME
GSAAAAPTVPE
;
D
#
# COMPACT_ATOMS: atom_id res chain seq x y z
CA ASP A 2 15.77 -7.23 6.94
C ASP A 2 14.35 -7.77 6.94
N LEU A 3 13.36 -6.88 6.99
CA LEU A 3 11.99 -7.32 6.75
C LEU A 3 11.94 -7.98 5.38
N VAL A 4 12.74 -7.46 4.45
CA VAL A 4 12.81 -8.02 3.11
C VAL A 4 13.38 -9.43 3.18
N ASP A 5 14.51 -9.56 3.86
CA ASP A 5 15.12 -10.87 4.09
C ASP A 5 14.15 -11.84 4.76
N ARG A 6 13.33 -11.34 5.68
CA ARG A 6 12.32 -12.20 6.31
C ARG A 6 11.21 -12.65 5.36
N ALA A 7 10.78 -11.78 4.45
CA ALA A 7 9.80 -12.16 3.45
C ALA A 7 10.38 -13.17 2.46
N GLN A 8 11.66 -13.01 2.18
CA GLN A 8 12.33 -13.94 1.26
C GLN A 8 12.45 -15.31 1.93
N ALA A 9 11.99 -15.41 3.18
CA ALA A 9 11.81 -16.66 3.91
C ALA A 9 10.34 -17.11 3.91
N GLY A 10 9.53 -16.45 3.10
CA GLY A 10 8.14 -16.84 2.99
C GLY A 10 7.29 -16.59 4.23
N GLU A 11 7.83 -15.85 5.19
CA GLU A 11 6.99 -15.29 6.26
C GLU A 11 6.08 -14.27 5.61
N ALA A 12 4.83 -14.67 5.39
CA ALA A 12 3.88 -13.88 4.63
C ALA A 12 3.63 -12.54 5.30
N GLU A 13 3.57 -12.53 6.64
CA GLU A 13 3.29 -11.31 7.39
C GLU A 13 4.41 -10.27 7.26
N ALA A 14 5.64 -10.73 7.05
CA ALA A 14 6.73 -9.81 6.81
C ALA A 14 6.46 -9.01 5.53
N PHE A 15 5.91 -9.68 4.51
CA PHE A 15 5.60 -8.94 3.28
C PHE A 15 4.43 -7.98 3.53
N GLY A 16 3.50 -8.39 4.39
CA GLY A 16 2.44 -7.47 4.79
C GLY A 16 3.00 -6.22 5.42
N ARG A 17 4.00 -6.38 6.27
CA ARG A 17 4.68 -5.26 6.90
C ARG A 17 5.41 -4.39 5.87
N LEU A 18 5.95 -5.00 4.81
CA LEU A 18 6.60 -4.19 3.78
C LEU A 18 5.53 -3.31 3.12
N TYR A 19 4.37 -3.88 2.84
CA TYR A 19 3.23 -3.08 2.36
C TYR A 19 2.88 -1.94 3.30
N ASP A 20 2.74 -2.23 4.60
CA ASP A 20 2.54 -1.16 5.57
C ASP A 20 3.56 -0.01 5.45
N GLN A 21 4.83 -0.36 5.31
CA GLN A 21 5.90 0.62 5.34
C GLN A 21 5.96 1.47 4.05
N TYR A 22 5.69 0.85 2.93
CA TYR A 22 5.97 1.47 1.63
C TYR A 22 4.73 1.84 0.80
N SER A 23 3.55 1.37 1.18
CA SER A 23 2.41 1.53 0.28
C SER A 23 2.06 2.98 -0.01
N ASP A 24 2.13 3.85 1.00
CA ASP A 24 1.71 5.25 0.79
C ASP A 24 2.69 5.98 -0.13
N THR A 25 3.96 5.65 -0.02
CA THR A 25 4.96 6.25 -0.90
C THR A 25 4.77 5.82 -2.35
N VAL A 26 4.51 4.54 -2.58
CA VAL A 26 4.25 4.03 -3.94
C VAL A 26 3.01 4.73 -4.47
N TYR A 27 1.98 4.78 -3.65
CA TYR A 27 0.70 5.38 -4.07
C TYR A 27 0.89 6.83 -4.47
N ARG A 28 1.63 7.57 -3.67
CA ARG A 28 1.88 8.98 -3.95
C ARG A 28 2.70 9.20 -5.21
N TYR A 29 3.67 8.32 -5.46
CA TYR A 29 4.41 8.43 -6.72
C TYR A 29 3.47 8.26 -7.93
N ILE A 30 2.59 7.27 -7.82
CA ILE A 30 1.67 6.92 -8.90
C ILE A 30 0.55 7.96 -9.06
N TYR A 31 0.07 8.48 -7.93
CA TYR A 31 -1.16 9.29 -7.85
C TYR A 31 -1.17 10.43 -8.88
N TYR A 32 -0.02 11.09 -9.01
CA TYR A 32 0.06 12.31 -9.78
C TYR A 32 0.35 12.01 -11.24
N ARG A 33 0.49 10.73 -11.57
CA ARG A 33 0.89 10.27 -12.90
C ARG A 33 -0.20 9.53 -13.65
N VAL A 34 -1.37 9.39 -13.04
CA VAL A 34 -2.46 8.68 -13.70
C VAL A 34 -3.76 9.44 -13.52
N GLY A 35 -4.76 9.03 -14.29
CA GLY A 35 -6.06 9.67 -14.25
C GLY A 35 -7.00 8.88 -13.37
N GLY A 36 -7.03 9.24 -12.10
CA GLY A 36 -8.04 8.71 -11.19
C GLY A 36 -7.47 7.92 -10.04
N LYS A 37 -8.09 8.07 -8.88
CA LYS A 37 -7.69 7.39 -7.65
C LYS A 37 -7.75 5.88 -7.78
N ALA A 38 -8.79 5.38 -8.43
CA ALA A 38 -8.95 3.93 -8.64
C ALA A 38 -7.77 3.33 -9.44
N THR A 39 -7.35 4.01 -10.50
CA THR A 39 -6.19 3.56 -11.25
C THR A 39 -4.93 3.58 -10.39
N ALA A 40 -4.78 4.65 -9.61
CA ALA A 40 -3.61 4.76 -8.72
C ALA A 40 -3.60 3.63 -7.67
N GLU A 41 -4.78 3.31 -7.14
CA GLU A 41 -4.90 2.22 -6.18
C GLU A 41 -4.56 0.89 -6.83
N ASP A 42 -5.09 0.65 -8.03
CA ASP A 42 -4.87 -0.61 -8.74
C ASP A 42 -3.40 -0.83 -9.10
N LEU A 43 -2.74 0.21 -9.60
CA LEU A 43 -1.32 0.11 -9.92
C LEU A 43 -0.45 -0.01 -8.66
N THR A 44 -0.95 0.45 -7.52
CA THR A 44 -0.18 0.32 -6.28
C THR A 44 -0.19 -1.15 -5.92
N SER A 45 -1.36 -1.75 -6.00
CA SER A 45 -1.51 -3.19 -5.76
C SER A 45 -0.64 -3.98 -6.72
N GLU A 46 -0.75 -3.67 -8.02
CA GLU A 46 0.09 -4.37 -9.01
C GLU A 46 1.60 -4.23 -8.78
N THR A 47 2.04 -3.06 -8.31
CA THR A 47 3.46 -2.83 -8.02
C THR A 47 3.95 -3.82 -6.96
N PHE A 48 3.21 -3.90 -5.85
CA PHE A 48 3.59 -4.85 -4.82
C PHE A 48 3.51 -6.31 -5.26
N LEU A 49 2.48 -6.63 -6.04
CA LEU A 49 2.32 -8.01 -6.52
C LEU A 49 3.49 -8.43 -7.41
N ARG A 50 4.01 -7.50 -8.21
CA ARG A 50 5.13 -7.79 -9.07
C ARG A 50 6.41 -8.01 -8.26
N ALA A 51 6.62 -7.17 -7.24
CA ALA A 51 7.78 -7.28 -6.37
C ALA A 51 7.77 -8.64 -5.69
N LEU A 52 6.58 -9.03 -5.27
CA LEU A 52 6.40 -10.28 -4.53
C LEU A 52 6.72 -11.46 -5.43
N ARG A 53 6.18 -11.44 -6.63
CA ARG A 53 6.40 -12.53 -7.58
C ARG A 53 7.87 -12.65 -8.00
N ARG A 54 8.63 -11.56 -7.91
CA ARG A 54 10.04 -11.60 -8.29
C ARG A 54 10.98 -11.56 -7.08
N ILE A 55 10.42 -11.67 -5.89
CA ILE A 55 11.23 -11.43 -4.71
C ILE A 55 12.42 -12.40 -4.58
N SER A 56 12.33 -13.56 -5.24
CA SER A 56 13.44 -14.53 -5.19
C SER A 56 14.64 -14.10 -6.03
N THR A 57 14.44 -13.08 -6.87
CA THR A 57 15.53 -12.58 -7.72
C THR A 57 16.17 -11.34 -7.11
N PHE A 58 15.50 -10.78 -6.11
CA PHE A 58 15.96 -9.55 -5.47
C PHE A 58 17.19 -9.80 -4.62
N THR A 59 18.32 -9.98 -5.28
CA THR A 59 19.53 -10.45 -4.63
C THR A 59 20.81 -9.80 -5.19
N TRP A 60 20.63 -8.80 -6.05
CA TRP A 60 21.78 -8.10 -6.65
C TRP A 60 22.44 -7.13 -5.68
N GLN A 61 23.72 -6.87 -5.91
CA GLN A 61 24.59 -6.18 -4.95
C GLN A 61 24.04 -4.91 -4.27
N GLY A 62 23.71 -3.89 -5.05
CA GLY A 62 23.33 -2.61 -4.46
C GLY A 62 21.83 -2.34 -4.41
N ARG A 63 21.04 -3.39 -4.21
CA ARG A 63 19.58 -3.29 -4.27
C ARG A 63 18.98 -2.48 -3.10
N ASP A 64 17.89 -1.79 -3.39
CA ASP A 64 17.17 -1.01 -2.38
C ASP A 64 15.68 -1.26 -2.62
N PHE A 65 14.97 -1.72 -1.59
CA PHE A 65 13.62 -2.20 -1.80
C PHE A 65 12.63 -1.09 -2.20
N GLY A 66 12.67 0.03 -1.48
CA GLY A 66 11.86 1.19 -1.83
C GLY A 66 12.14 1.70 -3.23
N ALA A 67 13.41 1.81 -3.59
CA ALA A 67 13.78 2.22 -4.94
C ALA A 67 13.28 1.23 -5.98
N TRP A 68 13.31 -0.06 -5.65
CA TRP A 68 12.84 -1.09 -6.56
C TRP A 68 11.35 -0.95 -6.80
N LEU A 69 10.60 -0.74 -5.72
CA LEU A 69 9.16 -0.53 -5.84
C LEU A 69 8.89 0.65 -6.78
N VAL A 70 9.59 1.74 -6.57
CA VAL A 70 9.39 2.95 -7.38
C VAL A 70 9.67 2.68 -8.86
N THR A 71 10.73 1.93 -9.12
CA THR A 71 11.07 1.62 -10.50
C THR A 71 10.06 0.68 -11.14
N ILE A 72 9.51 -0.25 -10.35
CA ILE A 72 8.43 -1.10 -10.83
C ILE A 72 7.16 -0.32 -11.16
N ALA A 73 6.79 0.62 -10.28
CA ALA A 73 5.60 1.42 -10.50
C ALA A 73 5.81 2.27 -11.74
N ARG A 74 7.00 2.83 -11.88
CA ARG A 74 7.35 3.59 -13.08
C ARG A 74 7.12 2.78 -14.37
N ASN A 75 7.55 1.52 -14.35
CA ASN A 75 7.36 0.59 -15.47
C ASN A 75 5.87 0.36 -15.74
N LEU A 76 5.08 0.17 -14.68
CA LEU A 76 3.63 -0.05 -14.79
C LEU A 76 2.86 1.15 -15.32
N VAL A 77 3.23 2.34 -14.88
CA VAL A 77 2.58 3.54 -15.36
C VAL A 77 2.91 3.71 -16.85
N ALA A 78 4.16 3.44 -17.23
CA ALA A 78 4.60 3.56 -18.62
C ALA A 78 3.85 2.56 -19.50
N ASP A 79 3.79 1.32 -19.04
CA ASP A 79 3.12 0.25 -19.77
C ASP A 79 1.60 0.30 -19.61
N HIS A 80 1.13 1.17 -18.73
CA HIS A 80 -0.31 1.26 -18.46
C HIS A 80 -1.08 1.69 -19.69
N SER A 88 -7.31 -18.95 -5.78
CA SER A 88 -8.60 -19.02 -5.10
C SER A 88 -8.84 -17.78 -4.25
N ASN A 89 -8.08 -17.66 -3.15
CA ASN A 89 -8.11 -16.45 -2.34
C ASN A 89 -7.85 -15.23 -3.20
N ALA A 90 -6.95 -15.39 -4.18
CA ALA A 90 -6.67 -14.32 -5.12
C ALA A 90 -7.90 -13.98 -5.95
N ALA A 91 -8.67 -15.02 -6.28
CA ALA A 91 -9.90 -14.83 -7.05
C ALA A 91 -10.99 -14.27 -6.15
N LEU A 92 -11.06 -14.80 -4.93
CA LEU A 92 -12.00 -14.29 -3.93
C LEU A 92 -11.75 -12.81 -3.69
N LEU A 93 -10.48 -12.46 -3.48
CA LEU A 93 -10.11 -11.09 -3.16
C LEU A 93 -10.18 -10.11 -4.34
N ASP A 94 -9.89 -10.57 -5.55
CA ASP A 94 -10.02 -9.67 -6.69
C ASP A 94 -11.50 -9.50 -7.05
N ALA A 95 -12.31 -10.49 -6.70
CA ALA A 95 -13.76 -10.33 -6.77
C ALA A 95 -14.21 -9.19 -5.86
N VAL A 96 -13.65 -9.12 -4.66
CA VAL A 96 -14.00 -8.05 -3.71
C VAL A 96 -13.66 -6.68 -4.28
N ARG A 97 -12.52 -6.58 -4.95
CA ARG A 97 -12.09 -5.30 -5.51
C ARG A 97 -13.01 -4.81 -6.62
N ARG A 98 -13.86 -5.70 -7.13
CA ARG A 98 -14.78 -5.36 -8.23
C ARG A 98 -16.13 -4.81 -7.76
N LEU A 99 -16.46 -5.03 -6.49
CA LEU A 99 -17.72 -4.51 -5.92
C LEU A 99 -17.71 -3.00 -5.97
N ASN A 100 -18.90 -2.39 -6.01
CA ASN A 100 -19.02 -0.95 -5.95
C ASN A 100 -18.52 -0.46 -4.60
N PRO A 101 -18.27 0.85 -4.46
CA PRO A 101 -17.73 1.43 -3.22
C PRO A 101 -18.47 0.98 -1.95
N GLN A 102 -19.79 1.13 -1.90
CA GLN A 102 -20.55 0.75 -0.71
C GLN A 102 -20.41 -0.73 -0.35
N GLN A 103 -20.63 -1.60 -1.32
CA GLN A 103 -20.55 -3.03 -1.07
C GLN A 103 -19.12 -3.47 -0.73
N GLN A 104 -18.14 -2.87 -1.39
CA GLN A 104 -16.75 -3.22 -1.09
C GLN A 104 -16.39 -2.88 0.35
N GLU A 105 -16.66 -1.65 0.75
CA GLU A 105 -16.40 -1.20 2.11
C GLU A 105 -17.15 -2.05 3.15
N CYS A 106 -18.39 -2.43 2.84
CA CYS A 106 -19.17 -3.22 3.77
C CYS A 106 -18.52 -4.58 4.03
N VAL A 107 -18.19 -5.30 2.96
CA VAL A 107 -17.55 -6.61 3.13
C VAL A 107 -16.17 -6.51 3.79
N THR A 108 -15.44 -5.44 3.49
CA THR A 108 -14.10 -5.26 4.06
C THR A 108 -14.19 -5.03 5.57
N LEU A 109 -15.04 -4.09 5.97
CA LEU A 109 -15.23 -3.84 7.40
C LEU A 109 -15.80 -5.06 8.14
N ARG A 110 -16.84 -5.68 7.59
CA ARG A 110 -17.50 -6.80 8.29
C ARG A 110 -16.64 -8.07 8.37
N PHE A 111 -16.00 -8.42 7.27
CA PHE A 111 -15.42 -9.74 7.18
C PHE A 111 -13.89 -9.72 7.18
N LEU A 112 -13.30 -8.71 6.56
CA LEU A 112 -11.84 -8.59 6.59
C LEU A 112 -11.34 -7.92 7.88
N GLN A 113 -12.14 -7.02 8.46
CA GLN A 113 -11.75 -6.37 9.70
C GLN A 113 -12.45 -6.99 10.92
N GLY A 114 -13.50 -7.75 10.65
CA GLY A 114 -14.26 -8.37 11.73
C GLY A 114 -15.14 -7.43 12.53
N LEU A 115 -15.53 -6.29 11.96
CA LEU A 115 -16.45 -5.39 12.66
C LEU A 115 -17.88 -5.96 12.67
N SER A 116 -18.59 -5.76 13.77
CA SER A 116 -19.99 -6.18 13.85
C SER A 116 -20.86 -5.34 12.92
N VAL A 117 -22.10 -5.76 12.72
CA VAL A 117 -23.07 -4.94 11.99
C VAL A 117 -23.18 -3.54 12.61
N ALA A 118 -23.27 -3.47 13.94
CA ALA A 118 -23.37 -2.18 14.61
C ALA A 118 -22.13 -1.30 14.42
N GLU A 119 -20.96 -1.88 14.61
CA GLU A 119 -19.70 -1.15 14.39
C GLU A 119 -19.62 -0.68 12.94
N THR A 120 -19.91 -1.58 12.00
CA THR A 120 -19.92 -1.22 10.57
C THR A 120 -20.91 -0.08 10.27
N ALA A 121 -22.09 -0.16 10.86
CA ALA A 121 -23.06 0.92 10.69
C ALA A 121 -22.49 2.27 11.12
N ARG A 122 -21.84 2.29 12.29
CA ARG A 122 -21.26 3.53 12.79
C ARG A 122 -20.20 4.09 11.86
N VAL A 123 -19.30 3.23 11.37
CA VAL A 123 -18.26 3.66 10.43
C VAL A 123 -18.80 4.19 9.11
N MET A 124 -19.81 3.51 8.57
CA MET A 124 -20.34 3.85 7.25
C MET A 124 -21.41 4.95 7.28
N GLY A 125 -21.86 5.30 8.48
CA GLY A 125 -22.89 6.32 8.61
C GLY A 125 -24.24 5.83 8.12
N LYS A 126 -24.51 4.55 8.36
CA LYS A 126 -25.77 3.95 7.97
C LYS A 126 -26.43 3.28 9.18
N ASN A 127 -27.71 2.94 9.06
CA ASN A 127 -28.36 2.21 10.13
C ASN A 127 -28.14 0.72 9.96
N GLU A 128 -28.23 -0.03 11.06
CA GLU A 128 -27.96 -1.46 11.02
C GLU A 128 -28.84 -2.20 10.01
N GLY A 129 -30.08 -1.73 9.83
CA GLY A 129 -30.95 -2.28 8.79
C GLY A 129 -30.32 -2.16 7.42
N ALA A 130 -29.85 -0.95 7.10
CA ALA A 130 -29.17 -0.71 5.84
C ALA A 130 -27.89 -1.56 5.69
N ILE A 131 -27.21 -1.81 6.80
CA ILE A 131 -26.03 -2.67 6.77
C ILE A 131 -26.42 -4.13 6.48
N LYS A 132 -27.48 -4.62 7.11
CA LYS A 132 -27.90 -5.99 6.85
C LYS A 132 -28.27 -6.17 5.39
N THR A 133 -28.98 -5.19 4.82
CA THR A 133 -29.32 -5.23 3.41
C THR A 133 -28.04 -5.19 2.56
N LEU A 134 -27.13 -4.29 2.91
CA LEU A 134 -25.93 -4.06 2.13
C LEU A 134 -24.99 -5.26 2.10
N GLN A 135 -24.82 -5.91 3.24
CA GLN A 135 -23.94 -7.06 3.30
C GLN A 135 -24.54 -8.22 2.53
N TYR A 136 -25.86 -8.29 2.48
CA TYR A 136 -26.52 -9.32 1.72
C TYR A 136 -26.30 -9.10 0.22
N ARG A 137 -26.49 -7.87 -0.24
CA ARG A 137 -26.35 -7.55 -1.66
C ARG A 137 -24.90 -7.69 -2.08
N ALA A 138 -23.99 -7.43 -1.15
CA ALA A 138 -22.56 -7.49 -1.45
C ALA A 138 -22.08 -8.93 -1.65
N VAL A 139 -22.48 -9.81 -0.75
CA VAL A 139 -22.06 -11.21 -0.85
C VAL A 139 -22.76 -11.91 -2.03
N ARG A 140 -23.98 -11.47 -2.34
CA ARG A 140 -24.70 -12.04 -3.48
C ARG A 140 -24.00 -11.68 -4.78
N THR A 141 -23.46 -10.47 -4.84
CA THR A 141 -22.70 -10.02 -6.01
C THR A 141 -21.39 -10.78 -6.18
N LEU A 142 -20.72 -11.08 -5.07
CA LEU A 142 -19.53 -11.92 -5.13
C LEU A 142 -19.89 -13.29 -5.66
N ALA A 143 -21.09 -13.74 -5.32
CA ALA A 143 -21.55 -15.07 -5.71
C ALA A 143 -21.78 -15.16 -7.21
N ARG A 144 -22.16 -14.06 -7.84
CA ARG A 144 -22.41 -14.06 -9.29
C ARG A 144 -21.12 -13.94 -10.11
N LEU A 145 -20.36 -12.86 -9.89
CA LEU A 145 -19.14 -12.65 -10.65
C LEU A 145 -18.01 -13.58 -10.19
N LEU A 146 -18.37 -14.58 -9.40
CA LEU A 146 -17.43 -15.60 -8.95
C LEU A 146 -18.09 -16.97 -8.97
N ILE B 2 39.95 23.69 -1.99
CA ILE B 2 39.85 23.50 -0.55
C ILE B 2 38.40 23.63 -0.07
N ALA B 3 37.77 24.75 -0.41
CA ALA B 3 36.41 25.01 0.01
C ALA B 3 35.40 24.07 -0.66
N ASN B 4 35.90 23.23 -1.57
CA ASN B 4 35.04 22.31 -2.31
C ASN B 4 34.66 21.07 -1.51
N VAL B 5 35.55 20.65 -0.61
CA VAL B 5 35.31 19.47 0.21
C VAL B 5 34.43 19.80 1.42
N SER B 6 34.38 21.08 1.78
CA SER B 6 33.56 21.53 2.89
C SER B 6 32.09 21.60 2.49
N ALA B 7 31.84 22.00 1.25
CA ALA B 7 30.49 22.01 0.72
C ALA B 7 29.94 20.59 0.65
N HIS B 8 30.84 19.63 0.41
CA HIS B 8 30.49 18.22 0.41
C HIS B 8 30.15 17.74 1.81
N ARG B 9 30.89 18.21 2.81
CA ARG B 9 30.71 17.77 4.19
C ARG B 9 29.39 18.26 4.80
N ARG B 10 29.04 19.52 4.53
CA ARG B 10 27.82 20.09 5.08
C ARG B 10 26.61 19.39 4.48
N ALA B 11 26.72 19.07 3.19
CA ALA B 11 25.68 18.32 2.49
C ALA B 11 25.46 16.96 3.15
N ASN B 12 26.54 16.27 3.47
CA ASN B 12 26.45 14.96 4.10
C ASN B 12 25.91 15.04 5.54
N ALA B 13 26.20 16.13 6.23
CA ALA B 13 25.70 16.36 7.58
C ALA B 13 24.20 16.58 7.54
N PHE B 14 23.76 17.38 6.57
CA PHE B 14 22.34 17.65 6.40
C PHE B 14 21.61 16.35 6.08
N ALA B 15 22.16 15.56 5.17
CA ALA B 15 21.54 14.29 4.80
C ALA B 15 21.34 13.44 6.05
N GLN B 16 22.38 13.33 6.86
CA GLN B 16 22.33 12.54 8.08
C GLN B 16 21.33 13.09 9.08
N ALA B 17 21.25 14.42 9.16
CA ALA B 17 20.29 15.07 10.03
C ALA B 17 18.84 14.80 9.60
N LEU B 18 18.59 14.83 8.30
CA LEU B 18 17.24 14.59 7.80
C LEU B 18 16.75 13.20 8.20
N GLU B 19 17.59 12.20 8.00
CA GLU B 19 17.28 10.85 8.43
C GLU B 19 16.84 10.87 9.90
N ASP B 20 17.62 11.54 10.73
CA ASP B 20 17.32 11.64 12.15
C ASP B 20 15.97 12.31 12.35
N ARG B 21 15.72 13.35 11.58
CA ARG B 21 14.49 14.12 11.71
C ARG B 21 13.33 13.43 11.00
N GLU B 39 22.33 27.87 10.67
CA GLU B 39 22.95 27.39 9.45
C GLU B 39 22.32 26.09 8.97
N GLN B 40 22.30 25.08 9.85
CA GLN B 40 21.75 23.77 9.51
C GLN B 40 20.39 23.55 10.18
N GLY B 41 20.17 24.22 11.30
CA GLY B 41 18.91 24.12 12.02
C GLY B 41 17.78 24.78 11.25
N LYS B 42 18.12 25.81 10.48
CA LYS B 42 17.13 26.48 9.65
C LYS B 42 16.76 25.59 8.47
N LEU B 43 17.75 24.93 7.90
CA LEU B 43 17.54 24.03 6.78
C LEU B 43 16.61 22.89 7.18
N LEU B 44 16.87 22.30 8.33
CA LEU B 44 16.05 21.20 8.83
C LEU B 44 14.62 21.66 9.09
N ALA B 45 14.46 22.88 9.58
CA ALA B 45 13.14 23.42 9.87
C ALA B 45 12.33 23.59 8.59
N LEU B 46 13.01 23.98 7.51
CA LEU B 46 12.35 24.15 6.22
C LEU B 46 11.91 22.79 5.67
N ALA B 47 12.80 21.81 5.74
CA ALA B 47 12.48 20.46 5.28
C ALA B 47 11.33 19.87 6.08
N SER B 48 11.31 20.13 7.39
CA SER B 48 10.21 19.66 8.23
C SER B 48 8.91 20.37 7.89
N GLY B 49 9.01 21.66 7.56
CA GLY B 49 7.86 22.44 7.16
C GLY B 49 7.19 21.86 5.92
N LEU B 50 8.02 21.52 4.94
CA LEU B 50 7.52 20.90 3.71
C LEU B 50 6.96 19.51 3.98
N GLY B 51 7.66 18.74 4.81
CA GLY B 51 7.25 17.37 5.13
C GLY B 51 5.99 17.29 5.96
N ASP B 52 5.65 18.38 6.64
CA ASP B 52 4.52 18.36 7.58
C ASP B 52 3.19 18.67 6.91
N LEU B 53 3.25 19.15 5.67
CA LEU B 53 2.04 19.35 4.88
C LEU B 53 1.33 18.03 4.63
N PRO B 54 -0.02 18.05 4.58
CA PRO B 54 -0.82 16.85 4.34
C PRO B 54 -0.55 16.26 2.95
N LYS B 55 -0.40 14.93 2.88
CA LYS B 55 -0.16 14.25 1.62
C LYS B 55 -1.38 13.41 1.28
N PRO B 56 -1.59 13.12 -0.01
CA PRO B 56 -2.66 12.18 -0.33
C PRO B 56 -2.40 10.82 0.32
N GLN B 57 -3.50 10.18 0.73
CA GLN B 57 -3.43 8.93 1.48
C GLN B 57 -4.26 7.85 0.82
N LEU B 58 -3.72 6.64 0.78
CA LEU B 58 -4.45 5.48 0.31
C LEU B 58 -5.61 5.26 1.25
N ASP B 59 -6.80 5.05 0.68
CA ASP B 59 -8.02 4.78 1.45
C ASP B 59 -7.77 3.64 2.44
N PRO B 60 -8.09 3.86 3.73
CA PRO B 60 -7.91 2.77 4.69
C PRO B 60 -8.56 1.47 4.28
N GLU B 61 -9.81 1.49 3.80
CA GLU B 61 -10.44 0.22 3.45
C GLU B 61 -9.82 -0.46 2.22
N VAL B 62 -9.27 0.34 1.32
CA VAL B 62 -8.46 -0.22 0.24
C VAL B 62 -7.19 -0.91 0.77
N LYS B 63 -6.50 -0.26 1.69
CA LYS B 63 -5.32 -0.90 2.32
C LYS B 63 -5.65 -2.27 2.90
N VAL B 64 -6.82 -2.40 3.54
CA VAL B 64 -7.17 -3.69 4.14
C VAL B 64 -7.18 -4.78 3.07
N VAL B 65 -7.79 -4.50 1.94
CA VAL B 65 -7.97 -5.52 0.92
C VAL B 65 -6.65 -5.81 0.22
N GLN B 66 -5.92 -4.75 -0.10
CA GLN B 66 -4.63 -4.95 -0.79
C GLN B 66 -3.66 -5.76 0.08
N ARG B 67 -3.57 -5.39 1.35
CA ARG B 67 -2.67 -6.10 2.27
C ARG B 67 -3.04 -7.57 2.35
N ALA B 68 -4.34 -7.86 2.46
CA ALA B 68 -4.81 -9.23 2.53
C ALA B 68 -4.49 -9.97 1.24
N GLN B 69 -4.69 -9.31 0.10
CA GLN B 69 -4.32 -9.91 -1.19
C GLN B 69 -2.84 -10.26 -1.23
N LEU B 70 -1.99 -9.41 -0.67
CA LEU B 70 -0.55 -9.67 -0.76
C LEU B 70 -0.11 -10.80 0.19
N VAL B 71 -0.67 -10.81 1.38
CA VAL B 71 -0.34 -11.84 2.35
C VAL B 71 -0.81 -13.20 1.83
N ALA B 72 -2.00 -13.23 1.23
CA ALA B 72 -2.53 -14.45 0.60
C ALA B 72 -1.65 -14.91 -0.57
N ALA B 73 -1.28 -13.98 -1.45
CA ALA B 73 -0.41 -14.34 -2.57
C ALA B 73 0.88 -14.98 -2.08
N MET B 74 1.42 -14.46 -0.98
CA MET B 74 2.63 -15.01 -0.37
C MET B 74 2.41 -16.41 0.15
N GLU B 75 1.32 -16.59 0.90
CA GLU B 75 0.98 -17.90 1.43
C GLU B 75 0.70 -18.88 0.29
N ALA B 76 0.18 -18.40 -0.82
CA ALA B 76 -0.03 -19.24 -1.99
C ALA B 76 1.30 -19.64 -2.61
N MET B 77 2.28 -18.74 -2.54
CA MET B 77 3.61 -19.00 -3.09
C MET B 77 4.36 -20.03 -2.25
N LEU B 78 4.04 -20.08 -0.96
CA LEU B 78 4.77 -20.90 0.01
C LEU B 78 4.02 -22.17 0.41
N MET B 79 2.73 -22.22 0.11
CA MET B 79 1.91 -23.37 0.48
C MET B 79 2.44 -24.66 -0.13
#